data_6AE8
#
_entry.id   6AE8
#
_cell.length_a   42.082
_cell.length_b   46.210
_cell.length_c   56.662
_cell.angle_alpha   72.37
_cell.angle_beta   70.92
_cell.angle_gamma   70.60
#
_symmetry.space_group_name_H-M   'P 1'
#
loop_
_entity.id
_entity.type
_entity.pdbx_description
1 polymer 'Histone H2B.1,Histone H2A.Z'
2 polymer 'Histone H2A.Z-specific chaperone CHZ1'
3 non-polymer BICINE
4 water water
#
loop_
_entity_poly.entity_id
_entity_poly.type
_entity_poly.pdbx_seq_one_letter_code
_entity_poly.pdbx_strand_id
1 'polypeptide(L)'
;MRKETYSSYIYKVLKQTHPDTGISQKSMSILNSFVNDIFERIATEASKLAAYNKKSTISAREIQTAVRLILPGELAKHAV
SEGTRAVTKYSSSTQAQSSSARAGLQFPVGRIKRYLKRHATGRTRVGSKAAIYLTAVLEYLTAEVLELAGNAAKDLKVKR
ITPRHLQLAIRGDDELDSLIRATIASGGVLPHI
;
A,B
2 'polypeptide(L)'
;MGSSHHHHHHYPYDVPDYASSGLVPRGSHMTVEDSESDMDDAKLDALMGNEGEEEEDDLAEIDTSNIITSGRRTRGKVID
YKKTAEELDKKEPSTGSKDDVGYGEKEEDDEDEEDDDFKE
;
C,D
#
loop_
_chem_comp.id
_chem_comp.type
_chem_comp.name
_chem_comp.formula
BCN non-polymer BICINE 'C6 H13 N O4'
#
# COMPACT_ATOMS: atom_id res chain seq x y z
N ARG A 2 4.46 1.51 6.86
CA ARG A 2 5.14 2.08 5.68
C ARG A 2 4.32 3.27 5.21
N LYS A 3 4.98 4.10 4.42
CA LYS A 3 4.31 5.04 3.53
C LYS A 3 3.77 4.22 2.37
N GLU A 4 2.48 4.36 2.05
CA GLU A 4 1.84 3.50 1.09
C GLU A 4 1.80 4.17 -0.23
N THR A 5 1.52 3.40 -1.27
CA THR A 5 1.46 3.90 -2.58
C THR A 5 0.02 4.10 -3.07
N TYR A 6 -0.34 5.35 -3.43
CA TYR A 6 -1.66 5.64 -3.90
C TYR A 6 -1.69 6.00 -5.39
N SER A 7 -0.56 5.82 -6.08
CA SER A 7 -0.42 6.35 -7.46
C SER A 7 -1.52 5.84 -8.38
N SER A 8 -1.93 4.57 -8.26
CA SER A 8 -2.95 4.04 -9.17
C SER A 8 -4.27 4.82 -9.05
N TYR A 9 -4.61 5.10 -7.78
CA TYR A 9 -5.84 5.75 -7.44
C TYR A 9 -5.77 7.23 -7.73
N ILE A 10 -4.58 7.82 -7.55
CA ILE A 10 -4.36 9.25 -7.96
C ILE A 10 -4.64 9.36 -9.47
N TYR A 11 -4.11 8.38 -10.21
CA TYR A 11 -4.31 8.40 -11.71
C TYR A 11 -5.77 8.25 -12.10
N LYS A 12 -6.53 7.44 -11.36
CA LYS A 12 -7.92 7.28 -11.63
C LYS A 12 -8.60 8.62 -11.41
N VAL A 13 -8.25 9.30 -10.33
CA VAL A 13 -8.83 10.65 -10.11
C VAL A 13 -8.46 11.65 -11.23
N LEU A 14 -7.22 11.61 -11.65
CA LEU A 14 -6.81 12.49 -12.75
C LEU A 14 -7.65 12.19 -14.03
N LYS A 15 -7.92 10.93 -14.29
CA LYS A 15 -8.81 10.59 -15.44
C LYS A 15 -10.25 11.13 -15.34
N GLN A 16 -10.74 11.35 -14.12
CA GLN A 16 -12.07 11.88 -13.95
C GLN A 16 -12.08 13.38 -14.01
N THR A 17 -10.95 13.99 -13.72
CA THR A 17 -10.84 15.44 -13.54
C THR A 17 -10.37 16.11 -14.85
N HIS A 18 -9.29 15.59 -15.43
CA HIS A 18 -8.70 15.98 -16.71
C HIS A 18 -8.46 14.76 -17.61
N PRO A 19 -9.53 14.33 -18.28
CA PRO A 19 -9.44 13.06 -18.97
C PRO A 19 -8.34 13.02 -20.02
N ASP A 20 -8.04 14.17 -20.61
CA ASP A 20 -7.07 14.26 -21.66
C ASP A 20 -5.61 14.53 -21.21
N THR A 21 -5.33 14.52 -19.90
CA THR A 21 -4.04 15.06 -19.41
C THR A 21 -3.29 13.97 -18.71
N GLY A 22 -1.99 13.91 -18.93
CA GLY A 22 -1.12 12.95 -18.31
C GLY A 22 -0.42 13.56 -17.11
N ILE A 23 0.51 12.82 -16.53
CA ILE A 23 1.19 13.30 -15.31
C ILE A 23 2.50 12.61 -15.30
N SER A 24 3.54 13.33 -14.91
CA SER A 24 4.92 12.81 -14.86
C SER A 24 5.15 11.98 -13.64
N GLN A 25 6.19 11.12 -13.68
CA GLN A 25 6.53 10.34 -12.51
C GLN A 25 6.88 11.12 -11.26
N LYS A 26 7.63 12.21 -11.41
CA LYS A 26 8.00 13.07 -10.32
C LYS A 26 6.78 13.73 -9.72
N SER A 27 5.88 14.21 -10.56
CA SER A 27 4.61 14.79 -10.08
C SER A 27 3.85 13.75 -9.24
N MET A 28 3.76 12.53 -9.75
CA MET A 28 3.05 11.49 -9.01
C MET A 28 3.71 11.21 -7.65
N SER A 29 5.04 11.16 -7.59
CA SER A 29 5.70 10.94 -6.32
C SER A 29 5.33 12.03 -5.28
N ILE A 30 5.28 13.27 -5.75
CA ILE A 30 4.99 14.42 -4.91
C ILE A 30 3.55 14.28 -4.42
N LEU A 31 2.64 13.93 -5.31
CA LEU A 31 1.22 13.72 -4.87
C LEU A 31 1.08 12.55 -3.91
N ASN A 32 1.80 11.45 -4.13
CA ASN A 32 1.79 10.38 -3.17
C ASN A 32 2.32 10.74 -1.80
N SER A 33 3.38 11.54 -1.75
CA SER A 33 3.79 12.14 -0.46
C SER A 33 2.74 12.98 0.16
N PHE A 34 2.01 13.72 -0.64
CA PHE A 34 0.99 14.64 -0.10
C PHE A 34 -0.08 13.79 0.57
N VAL A 35 -0.60 12.79 -0.16
CA VAL A 35 -1.64 11.95 0.38
C VAL A 35 -1.20 11.31 1.67
N ASN A 36 -0.02 10.77 1.69
CA ASN A 36 0.47 10.18 2.94
C ASN A 36 0.60 11.14 4.06
N ASP A 37 1.11 12.33 3.76
CA ASP A 37 1.28 13.32 4.81
C ASP A 37 -0.03 13.79 5.40
N ILE A 38 -1.01 14.05 4.54
CA ILE A 38 -2.30 14.55 5.01
C ILE A 38 -3.03 13.42 5.78
N PHE A 39 -2.96 12.20 5.28
CA PHE A 39 -3.46 11.05 6.00
C PHE A 39 -2.88 11.03 7.43
N GLU A 40 -1.59 11.10 7.55
CA GLU A 40 -0.94 11.06 8.88
C GLU A 40 -1.41 12.18 9.84
N ARG A 41 -1.56 13.39 9.30
CA ARG A 41 -2.04 14.49 10.11
C ARG A 41 -3.46 14.24 10.57
N ILE A 42 -4.33 13.86 9.66
CA ILE A 42 -5.75 13.64 10.05
C ILE A 42 -5.87 12.45 11.01
N ALA A 43 -5.17 11.35 10.72
CA ALA A 43 -5.31 10.13 11.48
C ALA A 43 -4.78 10.33 12.92
N THR A 44 -3.67 11.01 13.03
CA THR A 44 -3.07 11.32 14.32
C THR A 44 -4.00 12.15 15.12
N GLU A 45 -4.55 13.19 14.53
CA GLU A 45 -5.49 14.03 15.27
C GLU A 45 -6.80 13.26 15.66
N ALA A 46 -7.39 12.56 14.71
CA ALA A 46 -8.63 11.77 14.97
C ALA A 46 -8.40 10.74 16.10
N SER A 47 -7.26 10.06 16.07
CA SER A 47 -6.94 9.08 17.10
C SER A 47 -6.76 9.76 18.47
N LYS A 48 -6.14 10.93 18.49
CA LYS A 48 -5.96 11.71 19.67
C LYS A 48 -7.31 12.11 20.21
N LEU A 49 -8.20 12.58 19.33
CA LEU A 49 -9.53 12.99 19.80
C LEU A 49 -10.20 11.81 20.46
N ALA A 50 -10.10 10.60 19.84
CA ALA A 50 -10.81 9.43 20.39
C ALA A 50 -10.21 9.09 21.77
N ALA A 51 -8.90 9.19 21.89
CA ALA A 51 -8.22 8.83 23.14
C ALA A 51 -8.51 9.83 24.26
N TYR A 52 -8.38 11.13 23.97
CA TYR A 52 -8.59 12.17 25.00
C TYR A 52 -10.04 12.12 25.48
N ASN A 53 -10.97 11.78 24.59
CA ASN A 53 -12.39 11.69 24.92
C ASN A 53 -12.93 10.31 25.29
N LYS A 54 -12.01 9.39 25.43
CA LYS A 54 -12.26 8.08 25.96
C LYS A 54 -13.27 7.36 25.12
N LYS A 55 -13.22 7.51 23.78
CA LYS A 55 -14.11 6.80 22.88
C LYS A 55 -13.56 5.46 22.50
N SER A 56 -14.43 4.49 22.27
CA SER A 56 -13.95 3.12 22.02
C SER A 56 -13.61 2.92 20.53
N THR A 57 -14.01 3.88 19.71
CA THR A 57 -13.96 3.73 18.25
C THR A 57 -13.59 5.09 17.67
N ILE A 58 -12.67 5.08 16.72
CA ILE A 58 -12.51 6.26 15.90
C ILE A 58 -13.65 6.25 14.89
N SER A 59 -14.54 7.26 14.93
CA SER A 59 -15.66 7.31 14.05
C SER A 59 -15.57 8.51 13.11
N ALA A 60 -16.55 8.60 12.27
CA ALA A 60 -16.67 9.69 11.37
C ALA A 60 -16.73 11.05 12.05
N ARG A 61 -17.16 11.12 13.30
CA ARG A 61 -17.17 12.39 14.05
C ARG A 61 -15.82 12.89 14.35
N GLU A 62 -14.89 11.97 14.73
CA GLU A 62 -13.52 12.32 15.03
C GLU A 62 -12.78 12.71 13.73
N ILE A 63 -13.04 11.99 12.62
CA ILE A 63 -12.42 12.35 11.32
C ILE A 63 -12.89 13.77 10.94
N GLN A 64 -14.22 13.99 11.04
CA GLN A 64 -14.81 15.31 10.69
C GLN A 64 -14.18 16.43 11.54
N THR A 65 -14.06 16.23 12.86
CA THR A 65 -13.44 17.23 13.68
C THR A 65 -12.01 17.49 13.27
N ALA A 66 -11.24 16.40 13.08
CA ALA A 66 -9.88 16.53 12.67
C ALA A 66 -9.74 17.30 11.37
N VAL A 67 -10.66 17.10 10.42
CA VAL A 67 -10.61 17.79 9.12
C VAL A 67 -10.80 19.29 9.38
N ARG A 68 -11.70 19.60 10.28
CA ARG A 68 -11.95 21.02 10.64
C ARG A 68 -10.86 21.68 11.39
N LEU A 69 -10.03 20.94 12.14
CA LEU A 69 -8.85 21.46 12.78
C LEU A 69 -7.65 21.60 11.87
N ILE A 70 -7.61 20.85 10.78
CA ILE A 70 -6.39 20.77 9.96
C ILE A 70 -6.47 21.54 8.64
N LEU A 71 -7.57 21.43 7.93
CA LEU A 71 -7.63 22.06 6.65
C LEU A 71 -7.92 23.57 6.81
N PRO A 72 -7.16 24.42 6.14
CA PRO A 72 -7.35 25.85 6.37
C PRO A 72 -8.53 26.43 5.60
N GLY A 73 -9.07 27.48 6.15
CA GLY A 73 -10.11 28.26 5.47
C GLY A 73 -11.29 27.44 4.98
N GLU A 74 -11.87 27.91 3.88
CA GLU A 74 -13.06 27.27 3.37
C GLU A 74 -12.86 25.85 2.89
N LEU A 75 -11.63 25.53 2.57
CA LEU A 75 -11.26 24.19 2.10
C LEU A 75 -11.75 23.15 3.05
N ALA A 76 -11.63 23.43 4.37
CA ALA A 76 -12.18 22.47 5.36
C ALA A 76 -13.63 22.17 5.24
N LYS A 77 -14.46 23.20 4.93
CA LYS A 77 -15.91 23.02 4.81
C LYS A 77 -16.30 22.35 3.51
N HIS A 78 -15.56 22.66 2.46
CA HIS A 78 -15.66 21.89 1.23
C HIS A 78 -15.35 20.43 1.41
N ALA A 79 -14.29 20.16 2.16
CA ALA A 79 -13.89 18.74 2.37
C ALA A 79 -14.88 17.95 3.26
N VAL A 80 -15.35 18.59 4.33
CA VAL A 80 -16.43 18.02 5.17
C VAL A 80 -17.67 17.64 4.41
N SER A 81 -18.04 18.48 3.48
CA SER A 81 -19.15 18.14 2.64
C SER A 81 -18.95 16.90 1.77
N GLU A 82 -17.74 16.70 1.27
CA GLU A 82 -17.41 15.48 0.50
C GLU A 82 -17.41 14.21 1.35
N GLY A 83 -16.87 14.31 2.53
CA GLY A 83 -16.87 13.18 3.50
C GLY A 83 -18.29 12.80 3.85
N THR A 84 -19.08 13.83 4.14
CA THR A 84 -20.49 13.57 4.53
C THR A 84 -21.27 12.94 3.35
N ARG A 85 -21.13 13.49 2.14
CA ARG A 85 -21.70 12.90 0.96
C ARG A 85 -21.36 11.45 0.73
N ALA A 86 -20.07 11.09 0.87
CA ALA A 86 -19.62 9.74 0.71
C ALA A 86 -20.27 8.81 1.72
N VAL A 87 -20.31 9.21 3.00
CA VAL A 87 -20.92 8.39 4.00
C VAL A 87 -22.41 8.19 3.69
N THR A 88 -23.06 9.28 3.26
CA THR A 88 -24.47 9.13 2.91
C THR A 88 -24.69 8.17 1.73
N LYS A 89 -23.93 8.31 0.62
CA LYS A 89 -24.02 7.42 -0.53
C LYS A 89 -23.82 5.97 -0.15
N TYR A 90 -22.80 5.68 0.65
CA TYR A 90 -22.52 4.31 1.04
C TYR A 90 -23.67 3.74 1.84
N SER A 91 -24.20 4.55 2.73
CA SER A 91 -25.32 4.14 3.58
C SER A 91 -26.57 3.78 2.81
N SER A 92 -26.93 4.58 1.86
CA SER A 92 -28.08 4.31 1.04
C SER A 92 -27.75 3.36 -0.10
N SER A 93 -26.65 2.62 0.04
CA SER A 93 -26.23 1.63 -0.93
C SER A 93 -26.68 0.18 -0.68
N THR A 94 -27.73 -0.25 -1.33
CA THR A 94 -28.19 -1.64 -1.19
C THR A 94 -27.14 -2.54 -1.80
N GLN A 95 -25.98 -2.74 -1.16
CA GLN A 95 -24.93 -3.30 -1.98
C GLN A 95 -24.04 -4.47 -1.62
N ALA A 96 -23.98 -5.35 -2.61
CA ALA A 96 -22.93 -6.31 -2.75
C ALA A 96 -22.19 -5.67 -3.86
N GLN A 97 -21.58 -4.55 -3.45
CA GLN A 97 -20.47 -3.94 -4.14
C GLN A 97 -19.38 -3.65 -3.18
N SER A 98 -18.21 -3.51 -3.73
CA SER A 98 -16.98 -2.97 -3.03
C SER A 98 -17.29 -1.67 -2.26
N SER A 99 -16.64 -1.56 -1.11
CA SER A 99 -16.86 -0.46 -0.19
C SER A 99 -16.65 0.93 -0.91
N SER A 100 -15.63 0.99 -1.77
CA SER A 100 -15.27 2.21 -2.47
C SER A 100 -16.36 2.52 -3.49
N ALA A 101 -16.77 1.50 -4.26
CA ALA A 101 -17.76 1.70 -5.27
C ALA A 101 -19.04 2.19 -4.60
N ARG A 102 -19.41 1.59 -3.49
CA ARG A 102 -20.63 1.98 -2.78
C ARG A 102 -20.59 3.47 -2.38
N ALA A 103 -19.42 3.92 -1.96
CA ALA A 103 -19.33 5.34 -1.56
C ALA A 103 -19.09 6.32 -2.70
N GLY A 104 -19.04 5.83 -3.96
CA GLY A 104 -18.65 6.64 -5.11
C GLY A 104 -17.18 7.11 -5.23
N LEU A 105 -16.23 6.32 -4.70
CA LEU A 105 -14.84 6.74 -4.55
C LEU A 105 -13.87 5.89 -5.36
N GLN A 106 -12.80 6.53 -5.82
CA GLN A 106 -11.67 5.87 -6.48
C GLN A 106 -10.62 5.42 -5.53
N PHE A 107 -10.38 6.20 -4.48
CA PHE A 107 -9.45 5.78 -3.44
C PHE A 107 -9.99 4.52 -2.73
N PRO A 108 -9.07 3.72 -2.15
CA PRO A 108 -9.40 2.37 -1.62
C PRO A 108 -9.86 2.41 -0.17
N VAL A 109 -11.18 2.34 0.03
CA VAL A 109 -11.73 2.43 1.40
C VAL A 109 -11.20 1.37 2.29
N GLY A 110 -11.17 0.12 1.84
CA GLY A 110 -10.77 -1.02 2.70
C GLY A 110 -9.32 -0.89 3.16
N ARG A 111 -8.47 -0.47 2.22
CA ARG A 111 -7.08 -0.24 2.56
C ARG A 111 -6.92 0.88 3.54
N ILE A 112 -7.63 1.98 3.33
CA ILE A 112 -7.49 3.16 4.15
C ILE A 112 -7.98 2.85 5.59
N LYS A 113 -8.99 1.95 5.69
CA LYS A 113 -9.50 1.53 6.98
C LYS A 113 -8.38 0.81 7.72
N ARG A 114 -7.74 -0.11 7.03
CA ARG A 114 -6.58 -0.82 7.63
C ARG A 114 -5.44 0.15 8.04
N TYR A 115 -5.07 1.08 7.15
CA TYR A 115 -4.01 2.03 7.48
C TYR A 115 -4.38 2.86 8.70
N LEU A 116 -5.67 3.19 8.82
CA LEU A 116 -6.12 4.01 9.91
C LEU A 116 -5.99 3.27 11.22
N LYS A 117 -6.25 1.94 11.18
CA LYS A 117 -6.01 1.09 12.36
C LYS A 117 -4.60 1.14 12.92
N ARG A 118 -3.58 1.51 12.14
CA ARG A 118 -2.24 1.68 12.61
C ARG A 118 -2.09 2.83 13.62
N HIS A 119 -3.06 3.76 13.57
CA HIS A 119 -3.13 4.90 14.53
C HIS A 119 -3.99 4.70 15.77
N ALA A 120 -4.69 3.60 15.81
CA ALA A 120 -5.57 3.24 16.93
C ALA A 120 -4.79 2.36 17.89
N THR A 121 -4.39 2.99 18.97
CA THR A 121 -4.00 2.34 20.24
C THR A 121 -4.94 1.27 20.89
N GLY A 122 -4.34 0.14 21.29
CA GLY A 122 -4.92 -0.78 22.23
C GLY A 122 -6.19 -1.45 21.77
N ARG A 123 -7.24 -1.24 22.53
CA ARG A 123 -8.55 -1.79 22.23
C ARG A 123 -9.30 -0.89 21.21
N THR A 124 -8.82 0.31 20.94
CA THR A 124 -9.61 1.28 20.14
C THR A 124 -9.88 0.73 18.73
N ARG A 125 -11.10 0.78 18.30
CA ARG A 125 -11.50 0.27 17.03
C ARG A 125 -11.53 1.46 16.01
N VAL A 126 -11.68 1.09 14.75
CA VAL A 126 -11.92 2.06 13.64
C VAL A 126 -13.20 1.76 12.93
N GLY A 127 -14.08 2.76 12.77
CA GLY A 127 -15.35 2.53 12.11
C GLY A 127 -15.26 2.52 10.62
N SER A 128 -16.15 1.78 9.96
CA SER A 128 -16.20 1.83 8.50
C SER A 128 -16.54 3.23 8.00
N LYS A 129 -17.47 3.92 8.64
CA LYS A 129 -17.78 5.25 8.17
C LYS A 129 -16.61 6.25 8.35
N ALA A 130 -15.82 6.09 9.41
CA ALA A 130 -14.61 6.86 9.60
C ALA A 130 -13.70 6.67 8.36
N ALA A 131 -13.56 5.43 7.90
CA ALA A 131 -12.69 5.17 6.80
C ALA A 131 -13.24 5.68 5.48
N ILE A 132 -14.56 5.57 5.30
CA ILE A 132 -15.23 6.16 4.13
C ILE A 132 -14.97 7.67 4.11
N TYR A 133 -15.16 8.34 5.24
CA TYR A 133 -15.10 9.80 5.30
C TYR A 133 -13.67 10.24 5.02
N LEU A 134 -12.68 9.58 5.61
CA LEU A 134 -11.29 9.94 5.40
C LEU A 134 -10.89 9.70 3.96
N THR A 135 -11.27 8.57 3.43
CA THR A 135 -11.03 8.28 2.00
C THR A 135 -11.56 9.40 1.11
N ALA A 136 -12.82 9.77 1.32
CA ALA A 136 -13.42 10.81 0.56
C ALA A 136 -12.67 12.19 0.66
N VAL A 137 -12.19 12.55 1.85
CA VAL A 137 -11.42 13.78 2.05
C VAL A 137 -10.07 13.71 1.29
N LEU A 138 -9.34 12.58 1.41
CA LEU A 138 -8.09 12.41 0.73
C LEU A 138 -8.23 12.44 -0.82
N GLU A 139 -9.28 11.77 -1.28
CA GLU A 139 -9.63 11.83 -2.71
C GLU A 139 -9.97 13.28 -3.17
N TYR A 140 -10.72 14.02 -2.39
CA TYR A 140 -11.18 15.35 -2.72
C TYR A 140 -10.03 16.29 -2.81
N LEU A 141 -9.13 16.21 -1.82
CA LEU A 141 -7.92 17.07 -1.82
C LEU A 141 -7.06 16.79 -3.02
N THR A 142 -6.96 15.50 -3.40
CA THR A 142 -6.13 15.08 -4.51
C THR A 142 -6.76 15.64 -5.80
N ALA A 143 -8.09 15.55 -5.92
CA ALA A 143 -8.87 16.11 -7.03
C ALA A 143 -8.69 17.63 -7.14
N GLU A 144 -8.64 18.33 -6.00
CA GLU A 144 -8.47 19.77 -6.01
C GLU A 144 -7.11 20.14 -6.57
N VAL A 145 -6.07 19.46 -6.13
CA VAL A 145 -4.72 19.73 -6.62
C VAL A 145 -4.63 19.39 -8.09
N LEU A 146 -5.15 18.21 -8.49
CA LEU A 146 -5.06 17.77 -9.87
C LEU A 146 -5.82 18.69 -10.81
N GLU A 147 -6.97 19.17 -10.38
CA GLU A 147 -7.75 20.11 -11.21
C GLU A 147 -6.95 21.36 -11.48
N LEU A 148 -6.44 21.97 -10.41
CA LEU A 148 -5.66 23.15 -10.52
C LEU A 148 -4.39 22.93 -11.28
N ALA A 149 -3.71 21.80 -11.08
CA ALA A 149 -2.41 21.63 -11.77
C ALA A 149 -2.68 21.37 -13.28
N GLY A 150 -3.72 20.61 -13.60
CA GLY A 150 -4.10 20.38 -14.97
C GLY A 150 -4.47 21.65 -15.71
N ASN A 151 -5.16 22.56 -15.03
CA ASN A 151 -5.46 23.84 -15.62
C ASN A 151 -4.18 24.64 -15.86
N ALA A 152 -3.23 24.61 -14.94
CA ALA A 152 -1.91 25.31 -15.15
C ALA A 152 -1.25 24.73 -16.39
N ALA A 153 -1.36 23.40 -16.59
CA ALA A 153 -0.69 22.73 -17.75
C ALA A 153 -1.32 23.18 -19.04
N LYS A 154 -2.66 23.15 -19.12
CA LYS A 154 -3.38 23.66 -20.27
C LYS A 154 -3.04 25.12 -20.56
N ASP A 155 -2.96 25.94 -19.51
CA ASP A 155 -2.54 27.32 -19.68
C ASP A 155 -1.15 27.41 -20.34
N LEU A 156 -0.28 26.45 -20.06
CA LEU A 156 1.03 26.42 -20.67
C LEU A 156 1.12 25.52 -21.91
N LYS A 157 -0.03 25.20 -22.45
CA LYS A 157 -0.18 24.32 -23.61
C LYS A 157 0.70 23.07 -23.59
N VAL A 158 0.70 22.36 -22.49
CA VAL A 158 1.40 21.15 -22.33
C VAL A 158 0.33 20.09 -22.01
N LYS A 159 0.63 18.84 -22.27
CA LYS A 159 -0.36 17.81 -22.16
C LYS A 159 -0.17 16.89 -20.97
N ARG A 160 0.73 17.23 -20.09
CA ARG A 160 0.83 16.49 -18.84
C ARG A 160 1.27 17.42 -17.71
N ILE A 161 0.93 16.99 -16.52
CA ILE A 161 1.31 17.66 -15.32
C ILE A 161 2.76 17.31 -14.90
N THR A 162 3.57 18.38 -14.69
CA THR A 162 4.91 18.33 -14.15
C THR A 162 4.93 19.01 -12.78
N PRO A 163 6.04 18.87 -12.03
CA PRO A 163 6.13 19.50 -10.72
C PRO A 163 5.96 20.99 -10.73
N ARG A 164 6.27 21.63 -11.82
CA ARG A 164 6.05 23.02 -11.88
C ARG A 164 4.57 23.39 -11.88
N HIS A 165 3.73 22.60 -12.56
CA HIS A 165 2.29 22.83 -12.52
C HIS A 165 1.72 22.56 -11.16
N LEU A 166 2.34 21.65 -10.41
CA LEU A 166 1.88 21.38 -9.05
C LEU A 166 2.20 22.60 -8.18
N GLN A 167 3.37 23.21 -8.44
CA GLN A 167 3.77 24.36 -7.67
C GLN A 167 2.89 25.54 -7.95
N LEU A 168 2.62 25.78 -9.21
CA LEU A 168 1.69 26.82 -9.65
C LEU A 168 0.32 26.65 -8.99
N ALA A 169 -0.18 25.42 -9.01
CA ALA A 169 -1.46 25.11 -8.40
C ALA A 169 -1.47 25.45 -6.89
N ILE A 170 -0.50 24.95 -6.17
CA ILE A 170 -0.46 25.11 -4.71
C ILE A 170 -0.21 26.57 -4.39
N ARG A 171 0.73 27.16 -5.12
CA ARG A 171 1.10 28.54 -4.82
C ARG A 171 -0.01 29.48 -5.11
N GLY A 172 -0.79 29.27 -6.18
CA GLY A 172 -1.92 30.14 -6.50
C GLY A 172 -3.23 29.98 -5.71
N ASP A 173 -3.27 29.05 -4.74
CA ASP A 173 -4.50 28.89 -3.89
C ASP A 173 -4.05 29.09 -2.46
N ASP A 174 -4.50 30.14 -1.79
CA ASP A 174 -3.85 30.40 -0.52
C ASP A 174 -4.17 29.31 0.51
N GLU A 175 -5.30 28.62 0.39
CA GLU A 175 -5.60 27.57 1.40
C GLU A 175 -4.70 26.31 1.21
N LEU A 176 -4.50 25.89 -0.04
CA LEU A 176 -3.67 24.79 -0.30
C LEU A 176 -2.25 25.13 0.04
N ASP A 177 -1.87 26.36 -0.25
CA ASP A 177 -0.49 26.82 0.09
C ASP A 177 -0.29 26.71 1.60
N SER A 178 -1.26 27.19 2.37
CA SER A 178 -1.20 27.11 3.85
C SER A 178 -1.16 25.65 4.34
N LEU A 179 -1.97 24.80 3.70
CA LEU A 179 -2.00 23.39 4.07
C LEU A 179 -0.65 22.72 3.87
N ILE A 180 -0.09 22.95 2.69
CA ILE A 180 1.17 22.28 2.36
C ILE A 180 2.33 22.86 3.21
N ARG A 181 2.36 24.16 3.48
CA ARG A 181 3.38 24.74 4.39
C ARG A 181 3.31 24.14 5.79
N ALA A 182 2.09 23.91 6.30
CA ALA A 182 1.93 23.23 7.58
C ALA A 182 2.33 21.74 7.53
N THR A 183 2.24 21.11 6.36
CA THR A 183 2.49 19.66 6.20
C THR A 183 3.86 19.32 5.56
N ASP B 109 10.42 23.55 -19.30
CA ASP B 109 10.08 22.15 -19.77
C ASP B 109 11.29 21.29 -20.26
N ASP B 110 12.38 21.94 -20.66
CA ASP B 110 13.69 21.28 -20.61
C ASP B 110 13.92 20.65 -19.20
N GLU B 111 13.44 21.34 -18.18
CA GLU B 111 13.44 20.85 -16.80
C GLU B 111 12.94 19.41 -16.68
N ASP B 112 11.89 19.08 -17.45
CA ASP B 112 11.09 17.85 -17.28
C ASP B 112 11.50 16.69 -18.17
N GLU B 113 12.50 16.98 -18.99
CA GLU B 113 12.89 16.13 -20.09
C GLU B 113 13.31 14.74 -19.59
N GLU B 114 13.92 14.65 -18.41
CA GLU B 114 14.30 13.37 -17.85
C GLU B 114 13.26 12.85 -16.84
N ASP B 115 12.01 13.29 -16.97
CA ASP B 115 10.90 12.93 -16.03
C ASP B 115 9.83 12.23 -16.86
N ASP B 116 9.92 10.90 -16.91
CA ASP B 116 9.08 10.07 -17.77
C ASP B 116 7.59 10.19 -17.41
N ASP B 117 6.74 9.84 -18.35
CA ASP B 117 5.30 9.82 -18.12
C ASP B 117 5.00 8.74 -17.07
N PHE B 118 4.08 9.00 -16.14
CA PHE B 118 3.49 7.92 -15.36
C PHE B 118 2.62 7.07 -16.31
N LYS B 119 2.83 5.75 -16.30
CA LYS B 119 2.03 4.79 -17.10
C LYS B 119 1.07 3.98 -16.22
N GLU B 120 -0.24 4.06 -16.51
CA GLU B 120 -1.26 3.33 -15.73
C GLU B 120 -0.95 1.84 -15.64
N MET C 1 15.26 -27.34 -5.31
CA MET C 1 15.57 -28.65 -4.82
C MET C 1 14.92 -28.91 -3.46
N ARG C 2 14.33 -27.89 -2.90
CA ARG C 2 13.81 -27.96 -1.57
C ARG C 2 12.76 -26.84 -1.37
N LYS C 3 11.67 -27.12 -0.68
CA LYS C 3 10.86 -26.03 -0.13
C LYS C 3 11.55 -25.53 1.12
N GLU C 4 11.89 -24.25 1.14
CA GLU C 4 12.70 -23.68 2.20
C GLU C 4 11.85 -23.11 3.30
N THR C 5 12.40 -22.98 4.48
CA THR C 5 11.60 -22.41 5.55
C THR C 5 11.88 -20.93 5.67
N TYR C 6 10.83 -20.16 5.88
CA TYR C 6 10.97 -18.77 6.08
C TYR C 6 10.46 -18.29 7.44
N SER C 7 10.20 -19.23 8.37
CA SER C 7 9.44 -18.94 9.58
C SER C 7 10.11 -17.83 10.39
N SER C 8 11.42 -17.86 10.53
CA SER C 8 12.16 -16.85 11.37
C SER C 8 11.85 -15.44 10.83
N TYR C 9 11.85 -15.32 9.49
CA TYR C 9 11.61 -14.05 8.80
C TYR C 9 10.19 -13.57 8.83
N ILE C 10 9.28 -14.50 8.67
CA ILE C 10 7.84 -14.27 8.76
C ILE C 10 7.55 -13.72 10.17
N TYR C 11 8.17 -14.35 11.18
CA TYR C 11 7.95 -13.88 12.63
C TYR C 11 8.52 -12.47 12.77
N LYS C 12 9.64 -12.14 12.11
CA LYS C 12 10.15 -10.81 12.27
C LYS C 12 9.20 -9.79 11.65
N VAL C 13 8.65 -10.11 10.49
CA VAL C 13 7.62 -9.26 9.88
C VAL C 13 6.39 -9.06 10.79
N LEU C 14 5.93 -10.16 11.39
CA LEU C 14 4.81 -10.09 12.36
C LEU C 14 5.17 -9.09 13.48
N LYS C 15 6.38 -9.13 13.97
CA LYS C 15 6.74 -8.21 15.04
C LYS C 15 6.71 -6.76 14.61
N GLN C 16 6.97 -6.51 13.34
CA GLN C 16 6.93 -5.15 12.85
C GLN C 16 5.51 -4.64 12.73
N THR C 17 4.62 -5.58 12.45
CA THR C 17 3.28 -5.31 12.07
C THR C 17 2.39 -5.27 13.30
N HIS C 18 2.49 -6.29 14.14
CA HIS C 18 1.70 -6.47 15.34
C HIS C 18 2.61 -6.98 16.51
N PRO C 19 3.36 -6.08 17.14
CA PRO C 19 4.39 -6.41 18.13
C PRO C 19 3.94 -7.36 19.24
N ASP C 20 2.69 -7.24 19.69
CA ASP C 20 2.24 -8.06 20.84
C ASP C 20 1.34 -9.22 20.44
N THR C 21 1.41 -9.63 19.16
CA THR C 21 0.55 -10.73 18.69
C THR C 21 1.45 -11.90 18.33
N GLY C 22 1.04 -13.09 18.70
CA GLY C 22 1.75 -14.30 18.39
C GLY C 22 1.15 -14.93 17.17
N ILE C 23 1.64 -16.10 16.89
CA ILE C 23 1.15 -16.89 15.80
C ILE C 23 1.28 -18.38 16.07
N SER C 24 0.29 -19.16 15.63
CA SER C 24 0.31 -20.59 15.81
C SER C 24 1.21 -21.34 14.81
N GLN C 25 1.64 -22.55 15.20
CA GLN C 25 2.42 -23.35 14.29
C GLN C 25 1.73 -23.68 12.97
N LYS C 26 0.44 -23.99 13.03
CA LYS C 26 -0.30 -24.24 11.85
C LYS C 26 -0.34 -22.99 10.98
N SER C 27 -0.46 -21.83 11.60
CA SER C 27 -0.51 -20.60 10.83
C SER C 27 0.81 -20.40 10.14
N MET C 28 1.89 -20.65 10.88
CA MET C 28 3.20 -20.50 10.29
C MET C 28 3.43 -21.43 9.09
N SER C 29 2.94 -22.67 9.18
CA SER C 29 3.10 -23.60 8.12
C SER C 29 2.39 -23.14 6.83
N ILE C 30 1.22 -22.57 6.98
CA ILE C 30 0.44 -22.10 5.89
C ILE C 30 1.15 -20.95 5.24
N LEU C 31 1.67 -20.04 6.02
CA LEU C 31 2.43 -18.94 5.42
C LEU C 31 3.70 -19.40 4.74
N ASN C 32 4.44 -20.35 5.31
CA ASN C 32 5.55 -20.92 4.58
C ASN C 32 5.17 -21.46 3.25
N SER C 33 4.09 -22.22 3.18
CA SER C 33 3.60 -22.69 1.92
C SER C 33 3.30 -21.57 0.91
N PHE C 34 2.68 -20.49 1.39
CA PHE C 34 2.29 -19.39 0.52
C PHE C 34 3.57 -18.75 -0.02
N VAL C 35 4.56 -18.51 0.84
CA VAL C 35 5.77 -17.82 0.39
C VAL C 35 6.46 -18.68 -0.68
N ASN C 36 6.65 -19.97 -0.36
CA ASN C 36 7.22 -20.88 -1.34
C ASN C 36 6.47 -20.91 -2.63
N ASP C 37 5.13 -20.98 -2.56
CA ASP C 37 4.33 -21.12 -3.78
C ASP C 37 4.37 -19.84 -4.64
N ILE C 38 4.35 -18.67 -4.00
CA ILE C 38 4.39 -17.43 -4.75
C ILE C 38 5.80 -17.25 -5.35
N PHE C 39 6.84 -17.56 -4.57
CA PHE C 39 8.22 -17.56 -5.06
C PHE C 39 8.29 -18.35 -6.35
N GLU C 40 7.74 -19.55 -6.34
CA GLU C 40 7.86 -20.39 -7.52
C GLU C 40 7.18 -19.85 -8.73
N ARG C 41 5.98 -19.32 -8.55
CA ARG C 41 5.28 -18.69 -9.62
C ARG C 41 6.06 -17.53 -10.21
N ILE C 42 6.53 -16.59 -9.37
CA ILE C 42 7.23 -15.44 -9.86
C ILE C 42 8.55 -15.82 -10.53
N ALA C 43 9.28 -16.72 -9.88
CA ALA C 43 10.64 -17.09 -10.36
C ALA C 43 10.58 -17.80 -11.72
N THR C 44 9.64 -18.69 -11.87
CA THR C 44 9.54 -19.39 -13.12
C THR C 44 9.17 -18.43 -14.23
N GLU C 45 8.27 -17.48 -13.95
CA GLU C 45 7.90 -16.49 -14.97
C GLU C 45 9.05 -15.57 -15.34
N ALA C 46 9.79 -15.12 -14.36
CA ALA C 46 10.86 -14.22 -14.59
C ALA C 46 11.98 -14.94 -15.35
N SER C 47 12.24 -16.19 -15.04
CA SER C 47 13.29 -16.91 -15.78
C SER C 47 12.88 -17.05 -17.30
N LYS C 48 11.62 -17.27 -17.57
CA LYS C 48 11.09 -17.26 -18.96
C LYS C 48 11.22 -15.90 -19.61
N LEU C 49 10.97 -14.85 -18.86
CA LEU C 49 11.08 -13.54 -19.41
C LEU C 49 12.49 -13.12 -19.71
N ALA C 50 13.49 -13.66 -18.97
CA ALA C 50 14.85 -13.37 -19.28
C ALA C 50 15.16 -13.89 -20.71
N ALA C 51 14.69 -15.11 -21.00
CA ALA C 51 14.85 -15.67 -22.36
C ALA C 51 14.06 -14.86 -23.38
N TYR C 52 12.86 -14.48 -23.00
CA TYR C 52 12.04 -13.73 -23.96
C TYR C 52 12.65 -12.36 -24.27
N ASN C 53 13.20 -11.68 -23.26
CA ASN C 53 13.93 -10.43 -23.48
C ASN C 53 15.35 -10.53 -24.02
N LYS C 54 15.76 -11.75 -24.37
CA LYS C 54 17.08 -12.11 -24.88
C LYS C 54 18.20 -11.73 -23.94
N LYS C 55 18.04 -12.05 -22.67
CA LYS C 55 19.04 -11.69 -21.68
C LYS C 55 19.67 -12.90 -21.08
N SER C 56 20.88 -12.75 -20.58
CA SER C 56 21.52 -13.87 -19.95
C SER C 56 21.56 -13.67 -18.42
N THR C 57 20.89 -12.61 -17.94
CA THR C 57 20.76 -12.32 -16.52
C THR C 57 19.28 -12.09 -16.20
N ILE C 58 18.78 -12.65 -15.11
CA ILE C 58 17.44 -12.31 -14.58
C ILE C 58 17.64 -11.02 -13.79
N SER C 59 17.00 -9.96 -14.23
CA SER C 59 17.15 -8.66 -13.63
C SER C 59 15.81 -8.22 -12.99
N ALA C 60 15.83 -7.13 -12.29
CA ALA C 60 14.62 -6.56 -11.72
C ALA C 60 13.54 -6.22 -12.72
N ARG C 61 13.91 -6.00 -13.99
CA ARG C 61 12.92 -5.87 -15.09
C ARG C 61 12.07 -7.11 -15.24
N GLU C 62 12.72 -8.26 -15.25
CA GLU C 62 11.97 -9.50 -15.40
C GLU C 62 11.13 -9.80 -14.19
N ILE C 63 11.67 -9.53 -12.98
CA ILE C 63 10.90 -9.74 -11.78
C ILE C 63 9.63 -8.88 -11.83
N GLN C 64 9.83 -7.59 -12.11
CA GLN C 64 8.68 -6.64 -12.23
C GLN C 64 7.57 -7.10 -13.18
N THR C 65 7.97 -7.52 -14.36
CA THR C 65 7.01 -7.98 -15.34
C THR C 65 6.28 -9.28 -14.88
N ALA C 66 7.02 -10.21 -14.28
CA ALA C 66 6.42 -11.37 -13.66
C ALA C 66 5.43 -11.07 -12.56
N VAL C 67 5.78 -10.08 -11.71
CA VAL C 67 4.93 -9.68 -10.64
C VAL C 67 3.63 -9.18 -11.18
N ARG C 68 3.70 -8.36 -12.22
CA ARG C 68 2.49 -7.83 -12.86
C ARG C 68 1.67 -8.93 -13.53
N LEU C 69 2.31 -10.01 -14.00
CA LEU C 69 1.60 -11.13 -14.62
C LEU C 69 0.94 -12.01 -13.60
N ILE C 70 1.52 -12.14 -12.41
CA ILE C 70 1.04 -13.08 -11.47
C ILE C 70 0.10 -12.50 -10.47
N LEU C 71 0.34 -11.29 -9.98
CA LEU C 71 -0.48 -10.83 -8.92
C LEU C 71 -1.62 -10.08 -9.60
N PRO C 72 -2.80 -10.08 -8.98
CA PRO C 72 -3.96 -9.39 -9.52
C PRO C 72 -4.10 -7.92 -9.18
N GLY C 73 -4.60 -7.19 -10.15
CA GLY C 73 -5.26 -5.96 -9.85
C GLY C 73 -4.37 -4.92 -9.18
N GLU C 74 -4.95 -4.33 -8.16
CA GLU C 74 -4.29 -3.24 -7.45
C GLU C 74 -3.17 -3.77 -6.60
N LEU C 75 -3.33 -4.98 -6.08
CA LEU C 75 -2.30 -5.62 -5.29
C LEU C 75 -0.99 -5.72 -6.03
N ALA C 76 -1.03 -6.09 -7.32
CA ALA C 76 0.14 -6.06 -8.17
C ALA C 76 0.88 -4.73 -8.20
N LYS C 77 0.11 -3.62 -8.25
CA LYS C 77 0.71 -2.29 -8.32
C LYS C 77 1.37 -1.89 -6.98
N HIS C 78 0.74 -2.30 -5.87
CA HIS C 78 1.27 -2.03 -4.53
C HIS C 78 2.61 -2.80 -4.37
N ALA C 79 2.61 -4.01 -4.88
CA ALA C 79 3.77 -4.85 -4.75
C ALA C 79 4.96 -4.34 -5.62
N VAL C 80 4.69 -3.93 -6.84
CA VAL C 80 5.69 -3.37 -7.74
C VAL C 80 6.32 -2.14 -7.09
N SER C 81 5.48 -1.31 -6.48
CA SER C 81 6.01 -0.19 -5.79
C SER C 81 7.01 -0.57 -4.62
N GLU C 82 6.69 -1.65 -3.92
CA GLU C 82 7.56 -2.13 -2.82
C GLU C 82 8.87 -2.66 -3.35
N GLY C 83 8.80 -3.38 -4.47
CA GLY C 83 10.01 -3.87 -5.07
C GLY C 83 10.93 -2.73 -5.53
N THR C 84 10.33 -1.77 -6.19
CA THR C 84 11.05 -0.64 -6.75
C THR C 84 11.66 0.21 -5.61
N ARG C 85 10.90 0.39 -4.56
CA ARG C 85 11.35 1.12 -3.39
C ARG C 85 12.54 0.45 -2.72
N ALA C 86 12.53 -0.89 -2.65
CA ALA C 86 13.66 -1.60 -2.06
C ALA C 86 14.92 -1.50 -2.89
N VAL C 87 14.77 -1.65 -4.17
CA VAL C 87 15.92 -1.51 -5.06
C VAL C 87 16.51 -0.07 -4.93
N THR C 88 15.65 0.93 -4.93
CA THR C 88 16.09 2.31 -4.76
C THR C 88 16.85 2.51 -3.43
N LYS C 89 16.34 1.99 -2.31
CA LYS C 89 17.04 2.05 -1.03
C LYS C 89 18.40 1.37 -1.10
N TYR C 90 18.46 0.16 -1.64
CA TYR C 90 19.72 -0.50 -1.79
C TYR C 90 20.70 0.32 -2.65
N SER C 91 20.22 0.95 -3.72
CA SER C 91 21.09 1.56 -4.74
C SER C 91 21.73 2.82 -4.26
N SER C 92 21.15 3.41 -3.25
CA SER C 92 21.70 4.60 -2.66
C SER C 92 22.24 4.31 -1.30
N SER C 93 22.33 3.03 -0.98
CA SER C 93 22.53 2.68 0.36
C SER C 93 23.92 3.07 0.64
N THR C 94 23.93 4.17 1.38
CA THR C 94 25.03 5.09 1.60
C THR C 94 25.90 4.51 2.72
N GLN C 95 25.88 3.18 2.78
CA GLN C 95 26.52 2.40 3.80
C GLN C 95 26.42 1.03 3.14
N ALA C 96 27.55 0.37 2.91
CA ALA C 96 27.52 -1.03 2.52
C ALA C 96 27.66 -2.05 3.68
N GLN C 97 26.54 -2.74 3.89
CA GLN C 97 26.17 -3.62 5.01
C GLN C 97 25.39 -4.75 4.37
N SER C 98 24.59 -5.50 5.15
CA SER C 98 23.90 -6.68 4.61
C SER C 98 22.93 -6.30 3.52
N SER C 99 22.78 -7.17 2.54
CA SER C 99 21.87 -6.86 1.46
C SER C 99 20.48 -6.55 2.05
N SER C 100 20.01 -7.40 2.95
CA SER C 100 18.66 -7.25 3.51
C SER C 100 18.54 -5.89 4.23
N ALA C 101 19.57 -5.52 4.99
CA ALA C 101 19.52 -4.27 5.78
C ALA C 101 19.55 -3.04 4.88
N ARG C 102 20.40 -3.08 3.86
CA ARG C 102 20.45 -2.06 2.81
C ARG C 102 19.09 -1.75 2.13
N ALA C 103 18.31 -2.80 1.87
CA ALA C 103 17.00 -2.62 1.21
C ALA C 103 15.83 -2.41 2.17
N GLY C 104 16.15 -2.44 3.46
CA GLY C 104 15.18 -2.29 4.53
C GLY C 104 14.29 -3.49 4.73
N LEU C 105 14.84 -4.69 4.54
CA LEU C 105 14.04 -5.94 4.50
C LEU C 105 14.37 -6.97 5.62
N GLN C 106 13.34 -7.65 6.12
CA GLN C 106 13.56 -8.73 7.05
C GLN C 106 13.77 -10.07 6.34
N PHE C 107 13.16 -10.25 5.17
CA PHE C 107 13.39 -11.52 4.44
C PHE C 107 14.82 -11.58 3.88
N PRO C 108 15.37 -12.78 3.69
CA PRO C 108 16.82 -12.92 3.39
C PRO C 108 17.18 -12.77 1.92
N VAL C 109 17.67 -11.61 1.59
CA VAL C 109 18.03 -11.33 0.19
C VAL C 109 19.03 -12.31 -0.45
N GLY C 110 20.07 -12.61 0.30
CA GLY C 110 21.13 -13.49 -0.18
C GLY C 110 20.59 -14.89 -0.45
N ARG C 111 19.81 -15.43 0.50
CA ARG C 111 19.19 -16.72 0.26
C ARG C 111 18.26 -16.70 -0.95
N ILE C 112 17.40 -15.66 -1.04
CA ILE C 112 16.49 -15.58 -2.13
C ILE C 112 17.21 -15.52 -3.49
N LYS C 113 18.34 -14.81 -3.56
CA LYS C 113 19.17 -14.75 -4.74
C LYS C 113 19.60 -16.18 -5.12
N ARG C 114 20.03 -16.92 -4.10
CA ARG C 114 20.46 -18.28 -4.35
C ARG C 114 19.31 -19.16 -4.77
N TYR C 115 18.15 -19.06 -4.13
CA TYR C 115 17.02 -19.82 -4.54
C TYR C 115 16.61 -19.51 -5.98
N LEU C 116 16.67 -18.24 -6.31
CA LEU C 116 16.31 -17.80 -7.67
C LEU C 116 17.26 -18.44 -8.69
N LYS C 117 18.54 -18.68 -8.35
CA LYS C 117 19.44 -19.32 -9.33
C LYS C 117 19.00 -20.72 -9.71
N ARG C 118 18.22 -21.36 -8.87
CA ARG C 118 17.69 -22.69 -9.17
C ARG C 118 16.75 -22.72 -10.38
N HIS C 119 16.14 -21.55 -10.67
CA HIS C 119 15.27 -21.37 -11.79
C HIS C 119 16.03 -20.87 -13.04
N ALA C 120 17.24 -20.42 -12.84
CA ALA C 120 18.05 -19.92 -13.93
C ALA C 120 18.52 -21.17 -14.70
N THR C 121 18.55 -21.07 -16.03
CA THR C 121 19.01 -22.17 -16.86
C THR C 121 20.46 -21.96 -17.28
N GLY C 122 21.22 -23.04 -17.49
CA GLY C 122 22.52 -22.91 -18.09
C GLY C 122 23.40 -21.97 -17.30
N ARG C 123 24.02 -21.04 -17.95
CA ARG C 123 24.84 -20.13 -17.21
C ARG C 123 24.11 -18.77 -17.09
N THR C 124 22.80 -18.76 -17.28
CA THR C 124 22.03 -17.57 -16.90
C THR C 124 22.35 -17.16 -15.44
N ARG C 125 22.57 -15.87 -15.27
CA ARG C 125 22.84 -15.28 -13.97
C ARG C 125 21.61 -14.70 -13.29
N VAL C 126 21.75 -14.42 -12.01
CA VAL C 126 20.70 -13.69 -11.28
C VAL C 126 21.25 -12.39 -10.75
N GLY C 127 20.57 -11.27 -11.04
CA GLY C 127 21.07 -10.01 -10.57
C GLY C 127 20.78 -9.74 -9.11
N SER C 128 21.61 -8.92 -8.50
CA SER C 128 21.40 -8.58 -7.10
C SER C 128 20.09 -7.77 -6.97
N LYS C 129 19.82 -6.87 -7.90
CA LYS C 129 18.59 -6.11 -7.82
C LYS C 129 17.36 -6.97 -8.08
N ALA C 130 17.44 -7.97 -8.94
CA ALA C 130 16.37 -8.94 -9.06
C ALA C 130 16.07 -9.55 -7.71
N ALA C 131 17.12 -9.98 -7.00
CA ALA C 131 16.88 -10.56 -5.71
C ALA C 131 16.25 -9.67 -4.66
N ILE C 132 16.67 -8.42 -4.66
CA ILE C 132 16.16 -7.42 -3.75
C ILE C 132 14.68 -7.28 -4.04
N TYR C 133 14.38 -7.13 -5.32
CA TYR C 133 13.02 -6.78 -5.68
C TYR C 133 12.07 -7.98 -5.29
N LEU C 134 12.47 -9.22 -5.62
CA LEU C 134 11.67 -10.43 -5.32
C LEU C 134 11.51 -10.58 -3.82
N THR C 135 12.58 -10.36 -3.08
CA THR C 135 12.54 -10.38 -1.62
C THR C 135 11.50 -9.40 -1.12
N ALA C 136 11.61 -8.16 -1.59
CA ALA C 136 10.65 -7.14 -1.13
C ALA C 136 9.17 -7.45 -1.41
N VAL C 137 8.91 -8.07 -2.56
CA VAL C 137 7.56 -8.46 -2.91
C VAL C 137 7.03 -9.59 -1.99
N LEU C 138 7.85 -10.61 -1.76
CA LEU C 138 7.46 -11.73 -0.92
C LEU C 138 7.24 -11.26 0.50
N GLU C 139 8.13 -10.36 0.99
CA GLU C 139 7.97 -9.74 2.29
C GLU C 139 6.66 -8.88 2.37
N TYR C 140 6.37 -8.12 1.36
CA TYR C 140 5.20 -7.27 1.32
C TYR C 140 3.93 -8.11 1.38
N LEU C 141 3.84 -9.16 0.54
CA LEU C 141 2.66 -10.02 0.59
C LEU C 141 2.45 -10.64 1.95
N THR C 142 3.55 -11.11 2.58
CA THR C 142 3.53 -11.63 3.87
C THR C 142 3.02 -10.64 4.88
N ALA C 143 3.56 -9.44 4.84
CA ALA C 143 3.12 -8.33 5.69
C ALA C 143 1.64 -8.02 5.54
N GLU C 144 1.13 -8.04 4.30
CA GLU C 144 -0.29 -7.73 4.08
C GLU C 144 -1.19 -8.79 4.76
N VAL C 145 -0.81 -10.07 4.58
CA VAL C 145 -1.62 -11.15 5.16
C VAL C 145 -1.53 -11.09 6.68
N LEU C 146 -0.32 -10.87 7.23
CA LEU C 146 -0.10 -10.79 8.69
C LEU C 146 -0.80 -9.63 9.30
N GLU C 147 -0.88 -8.54 8.55
CA GLU C 147 -1.52 -7.33 9.08
C GLU C 147 -3.05 -7.61 9.19
N LEU C 148 -3.63 -8.07 8.09
CA LEU C 148 -5.03 -8.40 8.04
C LEU C 148 -5.37 -9.48 9.09
N ALA C 149 -4.52 -10.49 9.21
CA ALA C 149 -4.86 -11.57 10.13
C ALA C 149 -4.72 -11.15 11.57
N GLY C 150 -3.70 -10.32 11.89
CA GLY C 150 -3.55 -9.83 13.20
C GLY C 150 -4.71 -8.92 13.56
N ASN C 151 -5.25 -8.20 12.59
CA ASN C 151 -6.42 -7.35 12.89
C ASN C 151 -7.67 -8.23 13.21
N ALA C 152 -7.82 -9.32 12.46
CA ALA C 152 -8.90 -10.32 12.68
C ALA C 152 -8.79 -10.89 14.10
N ALA C 153 -7.59 -11.26 14.53
CA ALA C 153 -7.36 -11.73 15.92
C ALA C 153 -7.75 -10.69 16.92
N LYS C 154 -7.28 -9.45 16.76
CA LYS C 154 -7.68 -8.41 17.71
C LYS C 154 -9.18 -8.22 17.73
N ASP C 155 -9.87 -8.26 16.58
CA ASP C 155 -11.34 -8.16 16.59
C ASP C 155 -11.97 -9.31 17.37
N LEU C 156 -11.34 -10.48 17.35
CA LEU C 156 -11.88 -11.63 18.09
C LEU C 156 -11.35 -11.68 19.51
N LYS C 157 -10.67 -10.62 19.93
CA LYS C 157 -10.12 -10.49 21.26
C LYS C 157 -9.14 -11.60 21.69
N VAL C 158 -8.38 -12.07 20.76
CA VAL C 158 -7.34 -13.05 21.09
C VAL C 158 -5.94 -12.53 20.71
N LYS C 159 -4.92 -13.13 21.28
CA LYS C 159 -3.56 -12.61 21.27
C LYS C 159 -2.64 -13.33 20.26
N ARG C 160 -3.16 -14.27 19.50
CA ARG C 160 -2.35 -14.88 18.47
C ARG C 160 -3.15 -15.24 17.22
N ILE C 161 -2.43 -15.29 16.09
CA ILE C 161 -2.97 -15.60 14.80
C ILE C 161 -3.10 -17.12 14.66
N THR C 162 -4.31 -17.58 14.35
CA THR C 162 -4.56 -18.96 14.04
C THR C 162 -5.02 -19.06 12.59
N PRO C 163 -5.17 -20.28 12.07
CA PRO C 163 -5.62 -20.43 10.72
C PRO C 163 -6.97 -19.79 10.39
N ARG C 164 -7.88 -19.76 11.36
CA ARG C 164 -9.13 -19.03 11.17
C ARG C 164 -8.91 -17.59 10.82
N HIS C 165 -7.94 -16.95 11.50
CA HIS C 165 -7.59 -15.52 11.18
C HIS C 165 -6.99 -15.31 9.78
N LEU C 166 -6.14 -16.25 9.33
CA LEU C 166 -5.64 -16.26 7.98
C LEU C 166 -6.78 -16.36 6.95
N GLN C 167 -7.77 -17.20 7.27
CA GLN C 167 -8.85 -17.41 6.34
C GLN C 167 -9.69 -16.17 6.25
N LEU C 168 -9.97 -15.56 7.39
CA LEU C 168 -10.72 -14.29 7.40
C LEU C 168 -9.96 -13.18 6.66
N ALA C 169 -8.65 -13.11 6.84
CA ALA C 169 -7.82 -12.12 6.08
C ALA C 169 -7.94 -12.36 4.57
N ILE C 170 -7.76 -13.59 4.16
CA ILE C 170 -7.64 -13.87 2.75
C ILE C 170 -8.98 -13.77 2.06
N ARG C 171 -9.99 -14.32 2.70
CA ARG C 171 -11.31 -14.32 2.08
C ARG C 171 -11.99 -12.97 2.08
N GLY C 172 -11.65 -12.08 3.01
CA GLY C 172 -12.18 -10.71 2.98
C GLY C 172 -11.47 -9.74 2.03
N ASP C 173 -10.46 -10.19 1.29
CA ASP C 173 -9.75 -9.31 0.31
C ASP C 173 -9.75 -10.03 -1.02
N ASP C 174 -10.50 -9.49 -1.98
CA ASP C 174 -10.74 -10.23 -3.21
C ASP C 174 -9.46 -10.57 -3.96
N GLU C 175 -8.55 -9.62 -3.99
CA GLU C 175 -7.30 -9.82 -4.69
C GLU C 175 -6.38 -10.82 -4.00
N LEU C 176 -6.26 -10.78 -2.67
CA LEU C 176 -5.50 -11.84 -2.01
C LEU C 176 -6.14 -13.18 -2.23
N ASP C 177 -7.47 -13.22 -2.12
CA ASP C 177 -8.20 -14.46 -2.32
C ASP C 177 -7.88 -15.03 -3.69
N SER C 178 -8.05 -14.19 -4.71
CA SER C 178 -7.80 -14.55 -6.12
C SER C 178 -6.36 -15.07 -6.33
N LEU C 179 -5.41 -14.47 -5.64
CA LEU C 179 -3.96 -14.86 -5.79
C LEU C 179 -3.75 -16.25 -5.23
N ILE C 180 -4.28 -16.41 -4.03
CA ILE C 180 -4.25 -17.73 -3.35
C ILE C 180 -4.98 -18.85 -4.13
N ARG C 181 -6.19 -18.60 -4.61
CA ARG C 181 -6.87 -19.64 -5.46
C ARG C 181 -6.12 -20.02 -6.74
N ALA C 182 -5.48 -19.05 -7.38
CA ALA C 182 -4.64 -19.37 -8.54
C ALA C 182 -3.28 -19.90 -8.06
N GLU D 108 -8.68 -17.63 23.41
CA GLU D 108 -8.39 -18.61 22.31
C GLU D 108 -9.56 -19.62 22.08
N ASP D 109 -9.89 -19.83 20.80
CA ASP D 109 -10.95 -20.75 20.42
C ASP D 109 -10.55 -22.20 20.69
N ASP D 110 -11.54 -23.01 21.10
CA ASP D 110 -11.30 -24.45 21.27
C ASP D 110 -10.62 -25.12 20.08
N GLU D 111 -11.00 -24.75 18.87
CA GLU D 111 -10.44 -25.47 17.71
C GLU D 111 -8.92 -25.25 17.60
N ASP D 112 -8.36 -24.24 18.28
CA ASP D 112 -6.91 -23.94 18.19
C ASP D 112 -6.07 -24.48 19.37
N GLU D 113 -6.71 -25.15 20.33
CA GLU D 113 -6.00 -25.58 21.55
C GLU D 113 -4.84 -26.54 21.28
N GLU D 114 -5.02 -27.37 20.29
CA GLU D 114 -4.05 -28.36 19.92
C GLU D 114 -2.95 -27.80 18.98
N ASP D 115 -3.03 -26.53 18.67
CA ASP D 115 -2.10 -25.93 17.70
C ASP D 115 -1.21 -25.05 18.55
N ASP D 116 0.03 -25.50 18.83
CA ASP D 116 0.90 -24.83 19.77
C ASP D 116 1.40 -23.47 19.24
N ASP D 117 1.90 -22.60 20.11
CA ASP D 117 2.43 -21.33 19.69
C ASP D 117 3.70 -21.59 18.88
N PHE D 118 3.91 -20.82 17.80
CA PHE D 118 5.20 -20.84 17.14
C PHE D 118 6.23 -20.20 18.13
N LYS D 119 7.33 -20.92 18.35
CA LYS D 119 8.51 -20.53 19.15
C LYS D 119 9.75 -20.99 18.38
N1 BCN E . -0.07 5.14 5.82
C1 BCN E . 1.32 5.56 5.55
C2 BCN E . 1.73 6.95 6.12
O21 BCN E . 2.91 7.33 5.84
O22 BCN E . 0.94 7.68 6.82
C3 BCN E . -0.24 4.93 7.26
C4 BCN E . 0.46 3.65 7.38
O4 BCN E . 1.61 3.79 8.10
C5 BCN E . -1.13 6.14 5.64
C6 BCN E . -0.91 7.02 4.48
O6 BCN E . -0.83 5.96 3.76
N1 BCN F . 12.61 -22.38 -3.00
C1 BCN F . 11.70 -23.41 -2.50
C2 BCN F . 10.29 -23.50 -3.18
O21 BCN F . 9.71 -24.62 -3.07
O22 BCN F . 9.70 -22.58 -3.85
C3 BCN F . 12.64 -22.49 -4.46
C4 BCN F . 14.05 -22.69 -4.62
O4 BCN F . 13.93 -24.07 -4.44
C5 BCN F . 12.14 -20.99 -2.98
C6 BCN F . 12.27 -20.43 -1.66
O6 BCN F . 11.16 -21.00 -1.37
#